data_8FYZ
#
_entry.id   8FYZ
#
_cell.length_a   95.881
_cell.length_b   95.881
_cell.length_c   130.711
_cell.angle_alpha   90.00
_cell.angle_beta   90.00
_cell.angle_gamma   120.00
#
_symmetry.space_group_name_H-M   'P 61'
#
loop_
_entity.id
_entity.type
_entity.pdbx_description
1 polymer 'Poly [ADP-ribose] polymerase 1, processed C-terminus'
2 branched beta-D-fructofuranose-(2-1)-alpha-D-glucopyranose
3 non-polymer 'DIMETHYL SULFOXIDE'
4 non-polymer 'CITRIC ACID'
5 non-polymer (2P)-2-{3-[(4R)-3-(trifluoromethyl)-5,6-dihydro[1,2,4]triazolo[4,3-a]pyrazine-7(8H)-carbonyl]phenyl}-1H-benzimidazole-4-carboxamide
6 water water
#
_entity_poly.entity_id   1
_entity_poly.type   'polypeptide(L)'
_entity_poly.pdbx_seq_one_letter_code
;MGSSHHHHHHSSGLVPRGSHMTKSKLPKPVQDLIKMIFGSGSGSGGDPIDVNYEKLKTDIKVVDRDSEEAEIIRKYVKNT
HATTHNAYDLEVIDIFKIEREGECQRYKPFKQLHNRRLLWHGSRTTNFAGILSQGLRIAPPEAPVTGYMFGKGIYFADMV
SKSANYCHTSQGDPIGLILLGEVALGNMYELKHASHISKLPKGKHSVKGLGKTTPDPSANISLDGVDVPLGTGISSGVND
TSLLYNEYIVYDIAQVNLKYLLKLKFNFKTS
;
_entity_poly.pdbx_strand_id   A,B
#
# COMPACT_ATOMS: atom_id res chain seq x y z
N SER A 24 -27.50 -14.43 -2.24
CA SER A 24 -26.13 -13.94 -2.14
C SER A 24 -25.48 -13.84 -3.51
N LYS A 25 -24.75 -12.76 -3.73
CA LYS A 25 -24.06 -12.52 -4.99
C LYS A 25 -22.62 -13.02 -4.97
N LEU A 26 -22.15 -13.54 -3.84
CA LEU A 26 -20.78 -14.01 -3.75
C LEU A 26 -20.55 -15.22 -4.64
N PRO A 27 -19.34 -15.38 -5.18
CA PRO A 27 -19.02 -16.62 -5.90
C PRO A 27 -18.98 -17.80 -4.95
N LYS A 28 -19.35 -18.97 -5.48
CA LYS A 28 -19.50 -20.16 -4.66
C LYS A 28 -18.27 -20.49 -3.82
N PRO A 29 -17.04 -20.45 -4.35
CA PRO A 29 -15.88 -20.73 -3.50
C PRO A 29 -15.80 -19.81 -2.30
N VAL A 30 -16.11 -18.53 -2.49
CA VAL A 30 -16.07 -17.58 -1.38
C VAL A 30 -17.12 -17.94 -0.33
N GLN A 31 -18.30 -18.36 -0.78
CA GLN A 31 -19.34 -18.74 0.18
C GLN A 31 -18.95 -19.98 0.96
N ASP A 32 -18.36 -20.97 0.30
CA ASP A 32 -17.93 -22.17 1.00
C ASP A 32 -16.80 -21.87 1.99
N LEU A 33 -15.91 -20.95 1.62
CA LEU A 33 -14.87 -20.52 2.55
C LEU A 33 -15.46 -19.80 3.75
N ILE A 34 -16.46 -18.94 3.51
CA ILE A 34 -17.17 -18.29 4.61
C ILE A 34 -17.76 -19.33 5.55
N LYS A 35 -18.40 -20.36 4.99
CA LYS A 35 -18.93 -21.44 5.81
C LYS A 35 -17.83 -22.09 6.63
N MET A 36 -16.70 -22.41 6.00
CA MET A 36 -15.63 -23.10 6.72
C MET A 36 -15.14 -22.26 7.90
N ILE A 37 -14.91 -20.97 7.67
CA ILE A 37 -14.30 -20.15 8.71
C ILE A 37 -15.30 -19.80 9.80
N PHE A 38 -16.60 -19.72 9.48
CA PHE A 38 -17.59 -19.34 10.47
C PHE A 38 -18.42 -20.49 11.01
N GLY A 39 -18.29 -21.69 10.45
CA GLY A 39 -19.07 -22.83 10.91
C GLY A 39 -19.96 -23.41 9.83
N PRO A 48 -26.77 -16.33 7.33
CA PRO A 48 -26.32 -15.02 6.84
C PRO A 48 -24.90 -15.08 6.28
N ILE A 49 -24.78 -15.41 4.99
CA ILE A 49 -23.46 -15.60 4.39
C ILE A 49 -22.80 -14.25 4.10
N ASP A 50 -23.55 -13.31 3.53
CA ASP A 50 -22.96 -12.04 3.16
C ASP A 50 -22.63 -11.19 4.38
N VAL A 51 -23.46 -11.25 5.42
CA VAL A 51 -23.14 -10.57 6.67
C VAL A 51 -21.86 -11.14 7.25
N ASN A 52 -21.70 -12.46 7.20
CA ASN A 52 -20.47 -13.09 7.67
C ASN A 52 -19.27 -12.62 6.86
N TYR A 53 -19.41 -12.55 5.54
CA TYR A 53 -18.31 -12.05 4.71
C TYR A 53 -17.94 -10.62 5.09
N GLU A 54 -18.94 -9.75 5.26
CA GLU A 54 -18.67 -8.38 5.64
C GLU A 54 -18.03 -8.30 7.02
N LYS A 55 -18.29 -9.28 7.88
CA LYS A 55 -17.70 -9.29 9.21
C LYS A 55 -16.18 -9.36 9.17
N LEU A 56 -15.59 -9.83 8.06
CA LEU A 56 -14.15 -10.00 7.99
C LEU A 56 -13.41 -8.71 7.67
N LYS A 57 -14.08 -7.71 7.11
CA LYS A 57 -13.41 -6.48 6.68
C LYS A 57 -12.23 -6.81 5.77
N THR A 58 -12.47 -7.73 4.83
CA THR A 58 -11.44 -8.24 3.93
C THR A 58 -12.06 -8.43 2.56
N ASP A 59 -11.41 -7.92 1.52
CA ASP A 59 -11.83 -8.17 0.16
C ASP A 59 -11.23 -9.49 -0.30
N ILE A 60 -12.08 -10.49 -0.51
CA ILE A 60 -11.67 -11.82 -0.95
C ILE A 60 -12.11 -11.98 -2.40
N LYS A 61 -11.19 -12.43 -3.25
CA LYS A 61 -11.49 -12.74 -4.64
C LYS A 61 -10.89 -14.09 -4.98
N VAL A 62 -11.45 -14.75 -5.98
CA VAL A 62 -10.98 -16.07 -6.38
C VAL A 62 -9.92 -15.91 -7.47
N VAL A 63 -8.92 -16.78 -7.44
CA VAL A 63 -7.86 -16.80 -8.43
C VAL A 63 -8.21 -17.83 -9.50
N ASP A 64 -8.07 -17.44 -10.76
CA ASP A 64 -8.47 -18.32 -11.86
C ASP A 64 -7.57 -19.54 -11.91
N ARG A 65 -8.19 -20.72 -12.04
CA ARG A 65 -7.43 -21.97 -12.00
C ARG A 65 -6.46 -22.11 -13.16
N ASP A 66 -6.63 -21.33 -14.22
CA ASP A 66 -5.78 -21.42 -15.41
C ASP A 66 -4.85 -20.21 -15.56
N SER A 67 -4.77 -19.35 -14.54
CA SER A 67 -3.91 -18.18 -14.63
C SER A 67 -2.46 -18.54 -14.29
N GLU A 68 -1.57 -17.59 -14.54
CA GLU A 68 -0.17 -17.77 -14.18
C GLU A 68 0.04 -17.61 -12.67
N GLU A 69 -0.71 -16.71 -12.04
CA GLU A 69 -0.68 -16.59 -10.58
C GLU A 69 -0.92 -17.94 -9.92
N ALA A 70 -1.97 -18.64 -10.38
CA ALA A 70 -2.31 -19.93 -9.80
C ALA A 70 -1.23 -20.97 -10.05
N GLU A 71 -0.66 -20.98 -11.25
CA GLU A 71 0.41 -21.92 -11.54
C GLU A 71 1.62 -21.67 -10.65
N ILE A 72 1.95 -20.40 -10.42
CA ILE A 72 3.08 -20.08 -9.54
C ILE A 72 2.80 -20.56 -8.13
N ILE A 73 1.60 -20.31 -7.62
CA ILE A 73 1.27 -20.73 -6.26
C ILE A 73 1.31 -22.25 -6.15
N ARG A 74 0.79 -22.95 -7.16
CA ARG A 74 0.78 -24.41 -7.11
C ARG A 74 2.18 -24.99 -7.23
N LYS A 75 3.06 -24.33 -7.99
CA LYS A 75 4.44 -24.81 -8.05
C LYS A 75 5.17 -24.57 -6.74
N TYR A 76 4.88 -23.44 -6.09
CA TYR A 76 5.42 -23.20 -4.75
C TYR A 76 4.98 -24.31 -3.81
N VAL A 77 3.71 -24.70 -3.88
CA VAL A 77 3.22 -25.79 -3.03
C VAL A 77 3.91 -27.10 -3.40
N LYS A 78 4.06 -27.37 -4.69
CA LYS A 78 4.58 -28.65 -5.15
C LYS A 78 6.03 -28.85 -4.72
N ASN A 79 6.88 -27.86 -4.97
CA ASN A 79 8.32 -28.06 -4.84
C ASN A 79 8.82 -27.92 -3.40
N THR A 80 8.09 -27.23 -2.53
CA THR A 80 8.56 -26.93 -1.18
C THR A 80 7.90 -27.79 -0.12
N HIS A 81 7.57 -29.04 -0.45
CA HIS A 81 7.02 -29.98 0.53
C HIS A 81 8.17 -30.79 1.12
N ALA A 82 8.47 -30.53 2.39
CA ALA A 82 9.58 -31.20 3.05
C ALA A 82 9.38 -32.71 3.04
N THR A 83 10.47 -33.44 3.29
CA THR A 83 10.47 -34.89 3.17
C THR A 83 10.31 -35.62 4.49
N THR A 84 10.43 -34.92 5.63
CA THR A 84 10.03 -35.49 6.91
C THR A 84 8.55 -35.27 7.19
N HIS A 85 7.87 -34.46 6.37
CA HIS A 85 6.43 -34.23 6.48
C HIS A 85 5.68 -35.09 5.47
N ASN A 86 6.02 -36.37 5.43
CA ASN A 86 5.43 -37.33 4.51
C ASN A 86 4.21 -38.04 5.10
N ALA A 87 3.66 -37.52 6.19
CA ALA A 87 2.46 -38.12 6.76
C ALA A 87 1.23 -37.80 5.92
N TYR A 88 1.25 -36.69 5.19
CA TYR A 88 0.15 -36.32 4.31
C TYR A 88 0.71 -35.86 2.97
N ASP A 89 -0.20 -35.63 2.02
CA ASP A 89 0.15 -35.20 0.67
C ASP A 89 -0.78 -34.06 0.30
N LEU A 90 -0.22 -32.86 0.17
CA LEU A 90 -1.04 -31.67 -0.02
C LEU A 90 -1.68 -31.66 -1.40
N GLU A 91 -2.62 -30.73 -1.59
CA GLU A 91 -3.40 -30.64 -2.81
C GLU A 91 -4.27 -29.39 -2.76
N VAL A 92 -3.97 -28.40 -3.59
CA VAL A 92 -4.65 -27.11 -3.50
C VAL A 92 -6.07 -27.25 -4.02
N ILE A 93 -7.03 -26.70 -3.26
CA ILE A 93 -8.44 -26.75 -3.61
C ILE A 93 -8.86 -25.42 -4.23
N ASP A 94 -8.69 -24.34 -3.48
CA ASP A 94 -9.00 -23.00 -3.95
C ASP A 94 -7.85 -22.06 -3.59
N ILE A 95 -7.68 -21.03 -4.42
CA ILE A 95 -6.70 -19.98 -4.18
C ILE A 95 -7.45 -18.65 -4.25
N PHE A 96 -7.40 -17.90 -3.17
CA PHE A 96 -8.05 -16.60 -3.08
C PHE A 96 -6.99 -15.52 -2.93
N LYS A 97 -7.17 -14.41 -3.64
CA LYS A 97 -6.41 -13.20 -3.37
C LYS A 97 -7.19 -12.38 -2.36
N ILE A 98 -6.57 -12.10 -1.22
CA ILE A 98 -7.20 -11.39 -0.12
C ILE A 98 -6.50 -10.05 0.06
N GLU A 99 -7.28 -9.04 0.42
CA GLU A 99 -6.74 -7.71 0.75
C GLU A 99 -7.48 -7.22 1.98
N ARG A 100 -6.77 -7.13 3.11
CA ARG A 100 -7.37 -6.62 4.33
C ARG A 100 -7.38 -5.09 4.32
N GLU A 101 -8.43 -4.51 4.90
CA GLU A 101 -8.54 -3.06 4.94
C GLU A 101 -7.41 -2.48 5.78
N GLY A 102 -6.76 -1.44 5.25
CA GLY A 102 -5.67 -0.78 5.95
C GLY A 102 -4.34 -1.49 5.89
N GLU A 103 -4.33 -2.80 5.62
CA GLU A 103 -3.07 -3.54 5.66
C GLU A 103 -2.06 -2.99 4.66
N CYS A 104 -2.53 -2.51 3.50
CA CYS A 104 -1.59 -2.00 2.50
C CYS A 104 -1.02 -0.65 2.93
N GLN A 105 -1.88 0.27 3.39
CA GLN A 105 -1.38 1.56 3.86
C GLN A 105 -0.58 1.42 5.14
N ARG A 106 -0.80 0.35 5.91
CA ARG A 106 0.00 0.08 7.10
C ARG A 106 1.34 -0.56 6.75
N TYR A 107 1.38 -1.35 5.67
CA TYR A 107 2.61 -1.97 5.21
C TYR A 107 3.47 -1.02 4.39
N LYS A 108 2.86 0.01 3.80
CA LYS A 108 3.56 0.95 2.93
C LYS A 108 4.94 1.36 3.43
N PRO A 109 5.12 1.83 4.68
CA PRO A 109 6.45 2.30 5.08
C PRO A 109 7.56 1.27 4.92
N PHE A 110 7.23 -0.03 4.91
CA PHE A 110 8.22 -1.08 4.86
C PHE A 110 8.32 -1.71 3.47
N LYS A 111 7.79 -1.04 2.45
CA LYS A 111 7.68 -1.65 1.13
C LYS A 111 9.00 -1.63 0.38
N GLN A 112 9.63 -0.46 0.22
CA GLN A 112 10.92 -0.42 -0.43
C GLN A 112 12.00 -1.13 0.38
N LEU A 113 11.71 -1.48 1.64
CA LEU A 113 12.60 -2.31 2.44
C LEU A 113 13.03 -3.53 1.62
N HIS A 114 14.31 -3.62 1.27
CA HIS A 114 14.77 -4.70 0.42
C HIS A 114 14.50 -6.06 1.08
N ASN A 115 14.73 -7.12 0.32
CA ASN A 115 14.54 -8.50 0.78
C ASN A 115 13.11 -8.71 1.28
N ARG A 116 12.19 -8.63 0.32
CA ARG A 116 10.81 -9.02 0.52
C ARG A 116 10.62 -10.45 0.03
N ARG A 117 9.87 -11.24 0.79
CA ARG A 117 9.68 -12.65 0.44
C ARG A 117 8.23 -13.05 0.64
N LEU A 118 7.72 -13.88 -0.27
CA LEU A 118 6.38 -14.44 -0.15
C LEU A 118 6.48 -15.77 0.59
N LEU A 119 5.93 -15.82 1.80
CA LEU A 119 6.15 -16.94 2.70
C LEU A 119 4.83 -17.51 3.21
N TRP A 120 4.92 -18.70 3.78
CA TRP A 120 3.76 -19.44 4.27
C TRP A 120 3.47 -19.11 5.72
N HIS A 121 2.19 -19.22 6.10
CA HIS A 121 1.80 -19.18 7.49
C HIS A 121 0.59 -20.07 7.68
N GLY A 122 0.72 -21.08 8.56
CA GLY A 122 -0.37 -21.96 8.88
C GLY A 122 -0.96 -21.66 10.23
N SER A 123 -2.22 -22.04 10.41
CA SER A 123 -2.92 -21.84 11.66
C SER A 123 -4.19 -22.67 11.65
N ARG A 124 -4.64 -23.06 12.84
CA ARG A 124 -5.88 -23.81 12.96
C ARG A 124 -7.02 -23.02 12.31
N THR A 125 -7.95 -23.77 11.69
CA THR A 125 -8.94 -23.14 10.82
C THR A 125 -9.76 -22.09 11.56
N THR A 126 -10.19 -22.39 12.79
CA THR A 126 -11.04 -21.45 13.51
C THR A 126 -10.37 -20.11 13.72
N ASN A 127 -9.03 -20.09 13.81
CA ASN A 127 -8.31 -18.84 13.99
C ASN A 127 -8.55 -17.88 12.83
N PHE A 128 -8.84 -18.41 11.64
CA PHE A 128 -8.81 -17.58 10.44
C PHE A 128 -9.89 -16.51 10.46
N ALA A 129 -11.09 -16.85 10.92
CA ALA A 129 -12.15 -15.85 11.04
C ALA A 129 -11.64 -14.60 11.76
N GLY A 130 -10.64 -14.76 12.62
CA GLY A 130 -10.01 -13.62 13.28
C GLY A 130 -8.84 -13.06 12.51
N ILE A 131 -7.98 -13.94 11.98
CA ILE A 131 -6.78 -13.48 11.28
C ILE A 131 -7.15 -12.50 10.18
N LEU A 132 -8.29 -12.73 9.51
CA LEU A 132 -8.69 -11.85 8.42
C LEU A 132 -9.24 -10.52 8.94
N SER A 133 -9.94 -10.55 10.08
CA SER A 133 -10.51 -9.32 10.62
C SER A 133 -9.45 -8.47 11.31
N GLN A 134 -8.61 -9.10 12.12
CA GLN A 134 -7.59 -8.38 12.88
C GLN A 134 -6.22 -8.39 12.23
N GLY A 135 -5.96 -9.34 11.32
CA GLY A 135 -4.62 -9.56 10.81
C GLY A 135 -3.81 -10.45 11.73
N LEU A 136 -2.62 -10.81 11.26
CA LEU A 136 -1.70 -11.55 12.10
C LEU A 136 -1.18 -10.66 13.22
N ARG A 137 -1.02 -11.23 14.41
CA ARG A 137 -0.64 -10.47 15.59
C ARG A 137 0.42 -11.21 16.37
N ILE A 138 1.04 -10.49 17.32
CA ILE A 138 2.07 -11.03 18.19
C ILE A 138 1.46 -11.32 19.54
N ALA A 139 2.00 -12.34 20.21
CA ALA A 139 1.60 -12.67 21.57
C ALA A 139 1.67 -11.42 22.44
N PRO A 140 0.92 -11.34 23.54
CA PRO A 140 0.92 -10.13 24.35
C PRO A 140 2.30 -9.86 24.94
N PRO A 141 2.51 -8.66 25.50
CA PRO A 141 3.84 -8.34 26.04
C PRO A 141 4.21 -9.13 27.28
N GLU A 142 3.26 -9.77 27.97
CA GLU A 142 3.57 -10.57 29.15
C GLU A 142 2.87 -11.92 29.01
N ALA A 143 3.39 -12.74 28.10
CA ALA A 143 3.06 -14.15 28.00
C ALA A 143 4.34 -14.94 28.26
N PRO A 144 4.27 -16.27 28.39
CA PRO A 144 5.51 -17.04 28.57
C PRO A 144 6.29 -17.11 27.28
N VAL A 145 7.48 -16.49 27.27
CA VAL A 145 8.31 -16.47 26.07
C VAL A 145 8.88 -17.82 25.73
N THR A 146 8.83 -18.78 26.66
CA THR A 146 9.17 -20.15 26.33
C THR A 146 8.10 -20.74 25.41
N GLY A 147 8.53 -21.60 24.50
CA GLY A 147 7.68 -22.06 23.42
C GLY A 147 7.81 -21.23 22.16
N TYR A 148 8.12 -19.94 22.31
CA TYR A 148 8.46 -19.07 21.18
C TYR A 148 9.97 -19.17 20.98
N MET A 149 10.39 -20.05 20.08
CA MET A 149 11.81 -20.32 19.89
C MET A 149 12.60 -19.03 19.65
N PHE A 150 12.05 -18.13 18.83
CA PHE A 150 12.73 -16.88 18.55
C PHE A 150 11.90 -15.70 19.07
N GLY A 151 11.42 -15.82 20.30
CA GLY A 151 10.70 -14.74 20.95
C GLY A 151 9.31 -14.51 20.39
N LYS A 152 8.55 -13.63 21.02
CA LYS A 152 7.20 -13.30 20.57
C LYS A 152 7.28 -12.53 19.26
N GLY A 153 6.84 -13.16 18.18
CA GLY A 153 6.80 -12.51 16.90
C GLY A 153 5.82 -13.19 15.98
N ILE A 154 5.91 -12.86 14.70
CA ILE A 154 5.12 -13.49 13.66
C ILE A 154 6.05 -14.40 12.85
N TYR A 155 5.67 -15.67 12.75
CA TYR A 155 6.51 -16.71 12.17
C TYR A 155 6.03 -17.08 10.77
N PHE A 156 6.98 -17.46 9.92
CA PHE A 156 6.71 -17.91 8.57
C PHE A 156 7.71 -18.99 8.20
N ALA A 157 7.39 -19.74 7.15
CA ALA A 157 8.29 -20.77 6.63
C ALA A 157 8.27 -20.74 5.11
N ASP A 158 9.39 -21.12 4.51
CA ASP A 158 9.50 -21.24 3.07
C ASP A 158 9.23 -22.65 2.58
N MET A 159 8.95 -23.58 3.48
CA MET A 159 8.52 -24.94 3.13
C MET A 159 7.03 -25.05 3.47
N VAL A 160 6.20 -25.23 2.45
CA VAL A 160 4.75 -25.19 2.65
C VAL A 160 4.33 -26.17 3.74
N SER A 161 4.97 -27.33 3.81
CA SER A 161 4.55 -28.34 4.78
C SER A 161 4.83 -27.92 6.21
N LYS A 162 5.94 -27.20 6.44
CA LYS A 162 6.25 -26.75 7.78
C LYS A 162 5.12 -25.90 8.35
N SER A 163 4.48 -25.09 7.51
CA SER A 163 3.36 -24.27 7.96
C SER A 163 2.06 -25.06 7.96
N ALA A 164 1.86 -25.93 6.97
CA ALA A 164 0.64 -26.72 6.91
C ALA A 164 0.49 -27.62 8.14
N ASN A 165 1.61 -28.02 8.73
CA ASN A 165 1.54 -28.79 9.97
C ASN A 165 0.73 -28.07 11.03
N TYR A 166 0.78 -26.73 11.04
CA TYR A 166 0.08 -25.95 12.06
C TYR A 166 -1.39 -25.78 11.77
N CYS A 167 -1.88 -26.20 10.60
CA CYS A 167 -3.32 -26.27 10.38
C CYS A 167 -3.95 -27.35 11.24
N HIS A 168 -3.17 -28.37 11.61
CA HIS A 168 -3.64 -29.44 12.50
C HIS A 168 -4.91 -30.08 11.94
N THR A 169 -4.84 -30.50 10.68
CA THR A 169 -5.96 -31.10 9.97
C THR A 169 -5.79 -32.61 9.94
N SER A 170 -6.74 -33.33 10.52
CA SER A 170 -6.65 -34.77 10.67
C SER A 170 -7.35 -35.46 9.50
N GLN A 171 -7.50 -36.78 9.60
CA GLN A 171 -8.22 -37.52 8.57
C GLN A 171 -9.72 -37.20 8.62
N GLY A 172 -10.26 -37.05 9.82
CA GLY A 172 -11.66 -36.68 9.95
C GLY A 172 -11.98 -35.35 9.31
N ASP A 173 -11.11 -34.36 9.50
CA ASP A 173 -11.24 -33.04 8.89
C ASP A 173 -9.93 -32.72 8.17
N PRO A 174 -9.78 -33.19 6.92
CA PRO A 174 -8.50 -33.00 6.23
C PRO A 174 -8.43 -31.73 5.40
N ILE A 175 -9.20 -30.70 5.75
CA ILE A 175 -9.18 -29.43 5.04
C ILE A 175 -8.75 -28.33 5.99
N GLY A 176 -7.73 -27.57 5.60
CA GLY A 176 -7.25 -26.45 6.38
C GLY A 176 -6.99 -25.26 5.47
N LEU A 177 -6.62 -24.16 6.11
CA LEU A 177 -6.34 -22.90 5.42
C LEU A 177 -4.92 -22.47 5.73
N ILE A 178 -4.22 -21.97 4.71
CA ILE A 178 -2.84 -21.51 4.85
C ILE A 178 -2.69 -20.20 4.08
N LEU A 179 -1.93 -19.27 4.64
CA LEU A 179 -1.77 -17.94 4.09
C LEU A 179 -0.43 -17.81 3.38
N LEU A 180 -0.44 -17.06 2.28
CA LEU A 180 0.77 -16.53 1.67
C LEU A 180 0.87 -15.05 2.00
N GLY A 181 2.02 -14.64 2.50
CA GLY A 181 2.21 -13.26 2.89
C GLY A 181 3.51 -12.67 2.39
N GLU A 182 3.44 -11.45 1.86
CA GLU A 182 4.63 -10.67 1.59
C GLU A 182 5.21 -10.19 2.92
N VAL A 183 6.48 -10.51 3.17
CA VAL A 183 7.15 -10.18 4.42
C VAL A 183 8.37 -9.36 4.08
N ALA A 184 8.46 -8.16 4.66
CA ALA A 184 9.62 -7.28 4.49
C ALA A 184 10.67 -7.72 5.50
N LEU A 185 11.45 -8.73 5.11
CA LEU A 185 12.45 -9.30 6.00
C LEU A 185 13.56 -8.31 6.32
N GLY A 186 13.90 -7.45 5.37
CA GLY A 186 14.97 -6.49 5.61
C GLY A 186 16.27 -7.20 5.91
N ASN A 187 17.06 -6.60 6.82
CA ASN A 187 18.36 -7.15 7.19
C ASN A 187 18.14 -8.30 8.17
N MET A 188 18.42 -9.52 7.72
CA MET A 188 18.11 -10.71 8.51
C MET A 188 19.19 -10.97 9.55
N TYR A 189 18.76 -11.23 10.78
CA TYR A 189 19.62 -11.73 11.84
C TYR A 189 19.55 -13.25 11.77
N GLU A 190 20.62 -13.88 11.29
CA GLU A 190 20.60 -15.31 11.03
C GLU A 190 21.06 -16.07 12.26
N LEU A 191 20.22 -17.00 12.73
CA LEU A 191 20.48 -17.74 13.96
C LEU A 191 20.35 -19.23 13.71
N LYS A 192 21.24 -20.00 14.33
CA LYS A 192 21.23 -21.45 14.22
C LYS A 192 20.60 -22.13 15.42
N HIS A 193 20.38 -21.40 16.52
CA HIS A 193 19.79 -21.97 17.73
C HIS A 193 18.78 -20.98 18.29
N ALA A 194 18.06 -21.43 19.33
CA ALA A 194 16.98 -20.63 19.89
C ALA A 194 17.53 -19.40 20.62
N SER A 195 16.68 -18.40 20.76
CA SER A 195 17.03 -17.17 21.45
C SER A 195 16.02 -16.83 22.53
N HIS A 196 14.72 -16.92 22.22
CA HIS A 196 13.63 -16.61 23.14
C HIS A 196 13.55 -15.13 23.50
N ILE A 197 14.07 -14.26 22.64
CA ILE A 197 14.08 -12.81 22.90
C ILE A 197 13.48 -12.10 21.70
N SER A 198 12.71 -11.04 21.97
CA SER A 198 12.01 -10.30 20.93
C SER A 198 12.69 -8.97 20.59
N LYS A 199 13.96 -8.82 20.96
CA LYS A 199 14.71 -7.58 20.73
C LYS A 199 15.80 -7.85 19.70
N LEU A 200 15.74 -7.12 18.60
CA LEU A 200 16.71 -7.32 17.53
C LEU A 200 17.88 -6.34 17.68
N PRO A 201 19.12 -6.80 17.51
CA PRO A 201 20.24 -5.86 17.45
C PRO A 201 19.94 -4.75 16.45
N LYS A 202 20.08 -3.50 16.91
CA LYS A 202 19.79 -2.35 16.05
C LYS A 202 20.49 -2.51 14.71
N GLY A 203 19.72 -2.35 13.64
CA GLY A 203 20.17 -2.63 12.30
C GLY A 203 19.56 -3.86 11.67
N LYS A 204 18.77 -4.61 12.42
CA LYS A 204 18.12 -5.82 11.94
C LYS A 204 16.61 -5.65 12.02
N HIS A 205 15.91 -6.22 11.04
CA HIS A 205 14.46 -6.10 10.94
C HIS A 205 13.73 -7.42 11.09
N SER A 206 14.44 -8.55 11.04
CA SER A 206 13.81 -9.86 11.09
C SER A 206 14.86 -10.88 11.49
N VAL A 207 14.40 -12.06 11.89
CA VAL A 207 15.25 -13.17 12.25
C VAL A 207 15.05 -14.28 11.24
N LYS A 208 16.14 -14.95 10.87
CA LYS A 208 16.09 -16.13 10.01
C LYS A 208 16.73 -17.30 10.75
N GLY A 209 15.90 -18.23 11.20
CA GLY A 209 16.38 -19.48 11.72
C GLY A 209 16.86 -20.36 10.58
N LEU A 210 18.15 -20.62 10.53
CA LEU A 210 18.77 -21.30 9.39
C LEU A 210 18.45 -22.79 9.45
N GLY A 211 17.78 -23.29 8.42
CA GLY A 211 17.49 -24.70 8.31
C GLY A 211 18.54 -25.43 7.48
N LYS A 212 18.75 -26.70 7.81
CA LYS A 212 19.67 -27.52 7.03
C LYS A 212 19.21 -27.66 5.58
N THR A 213 17.92 -27.51 5.32
CA THR A 213 17.35 -27.66 3.98
C THR A 213 16.62 -26.37 3.60
N THR A 214 16.97 -25.81 2.45
CA THR A 214 16.41 -24.56 1.99
C THR A 214 15.92 -24.71 0.56
N PRO A 215 14.91 -23.93 0.16
CA PRO A 215 14.51 -23.94 -1.26
C PRO A 215 15.68 -23.54 -2.16
N ASP A 216 15.71 -24.15 -3.33
CA ASP A 216 16.79 -23.94 -4.28
C ASP A 216 16.80 -22.49 -4.75
N PRO A 217 17.81 -21.68 -4.36
CA PRO A 217 17.80 -20.26 -4.78
C PRO A 217 17.98 -20.05 -6.26
N SER A 218 18.55 -21.02 -6.99
CA SER A 218 18.68 -20.88 -8.44
C SER A 218 17.33 -20.89 -9.16
N ALA A 219 16.24 -21.14 -8.44
CA ALA A 219 14.92 -21.22 -9.03
C ALA A 219 13.97 -20.13 -8.53
N ASN A 220 14.39 -19.31 -7.58
CA ASN A 220 13.53 -18.25 -7.06
C ASN A 220 13.17 -17.28 -8.18
N ILE A 221 11.95 -16.76 -8.12
CA ILE A 221 11.52 -15.74 -9.08
C ILE A 221 11.10 -14.49 -8.31
N SER A 222 10.72 -13.44 -9.04
CA SER A 222 10.32 -12.18 -8.41
C SER A 222 8.93 -11.82 -8.92
N LEU A 223 7.91 -12.13 -8.13
CA LEU A 223 6.52 -11.84 -8.47
C LEU A 223 6.14 -10.50 -7.85
N ASP A 224 5.86 -9.51 -8.70
CA ASP A 224 5.52 -8.17 -8.25
C ASP A 224 6.62 -7.57 -7.38
N GLY A 225 7.88 -7.92 -7.66
CA GLY A 225 8.99 -7.47 -6.86
C GLY A 225 9.18 -8.19 -5.55
N VAL A 226 8.33 -9.16 -5.23
CA VAL A 226 8.44 -9.97 -4.02
C VAL A 226 9.14 -11.27 -4.38
N ASP A 227 10.15 -11.63 -3.61
CA ASP A 227 10.93 -12.83 -3.91
C ASP A 227 10.14 -14.08 -3.55
N VAL A 228 9.82 -14.88 -4.57
CA VAL A 228 9.15 -16.17 -4.39
C VAL A 228 10.23 -17.24 -4.39
N PRO A 229 10.50 -17.91 -3.25
CA PRO A 229 11.49 -19.02 -3.21
C PRO A 229 10.83 -20.37 -3.42
N LEU A 230 10.35 -20.59 -4.64
CA LEU A 230 9.65 -21.82 -5.00
C LEU A 230 10.60 -22.92 -5.46
N GLY A 231 11.89 -22.78 -5.19
CA GLY A 231 12.84 -23.80 -5.58
C GLY A 231 12.69 -25.07 -4.76
N THR A 232 13.05 -26.20 -5.37
CA THR A 232 13.00 -27.47 -4.67
C THR A 232 13.97 -27.47 -3.50
N GLY A 233 13.69 -28.35 -2.54
CA GLY A 233 14.52 -28.42 -1.34
C GLY A 233 15.91 -28.93 -1.67
N ILE A 234 16.93 -28.20 -1.22
CA ILE A 234 18.32 -28.61 -1.33
C ILE A 234 18.98 -28.40 0.03
N SER A 235 20.24 -28.79 0.13
CA SER A 235 21.00 -28.58 1.36
C SER A 235 21.47 -27.13 1.42
N SER A 236 21.24 -26.48 2.57
CA SER A 236 21.66 -25.11 2.75
C SER A 236 23.15 -24.98 3.04
N GLY A 237 23.80 -26.07 3.45
CA GLY A 237 25.22 -26.05 3.74
C GLY A 237 25.57 -25.80 5.19
N VAL A 238 24.58 -25.58 6.05
CA VAL A 238 24.81 -25.36 7.48
C VAL A 238 24.62 -26.69 8.19
N ASN A 239 25.69 -27.18 8.83
CA ASN A 239 25.62 -28.39 9.64
C ASN A 239 25.28 -28.08 11.09
N ASP A 240 25.90 -27.05 11.67
CA ASP A 240 25.68 -26.68 13.06
C ASP A 240 24.43 -25.83 13.13
N THR A 241 23.27 -26.47 13.28
CA THR A 241 22.02 -25.73 13.39
C THR A 241 20.95 -26.66 13.96
N SER A 242 19.98 -26.05 14.65
CA SER A 242 18.92 -26.81 15.32
C SER A 242 17.74 -27.10 14.40
N LEU A 243 17.56 -26.33 13.34
CA LEU A 243 16.36 -26.38 12.52
C LEU A 243 16.60 -27.19 11.25
N LEU A 244 15.61 -27.99 10.86
CA LEU A 244 15.68 -28.70 9.60
C LEU A 244 15.37 -27.77 8.43
N TYR A 245 14.42 -26.85 8.63
CA TYR A 245 13.98 -25.95 7.57
C TYR A 245 13.92 -24.54 8.11
N ASN A 246 14.14 -23.57 7.22
CA ASN A 246 14.27 -22.20 7.66
C ASN A 246 12.98 -21.70 8.31
N GLU A 247 13.14 -20.80 9.27
CA GLU A 247 12.04 -20.03 9.83
C GLU A 247 12.32 -18.56 9.62
N TYR A 248 11.28 -17.77 9.37
CA TYR A 248 11.40 -16.33 9.18
C TYR A 248 10.49 -15.64 10.18
N ILE A 249 11.06 -14.89 11.10
CA ILE A 249 10.31 -14.21 12.16
C ILE A 249 10.43 -12.70 11.96
N VAL A 250 9.31 -11.99 12.12
CA VAL A 250 9.32 -10.54 12.19
C VAL A 250 8.67 -10.14 13.52
N TYR A 251 8.87 -8.86 13.90
CA TYR A 251 8.48 -8.41 15.21
C TYR A 251 7.65 -7.13 15.20
N ASP A 252 7.43 -6.52 14.04
CA ASP A 252 6.41 -5.48 13.88
C ASP A 252 5.36 -6.01 12.91
N ILE A 253 4.09 -5.95 13.33
CA ILE A 253 3.03 -6.57 12.54
C ILE A 253 2.80 -5.87 11.21
N ALA A 254 3.41 -4.69 11.01
CA ALA A 254 3.29 -3.97 9.75
C ALA A 254 4.36 -4.36 8.74
N GLN A 255 5.23 -5.31 9.08
CA GLN A 255 6.16 -5.90 8.12
C GLN A 255 5.51 -7.00 7.29
N VAL A 256 4.19 -7.18 7.42
CA VAL A 256 3.48 -8.27 6.79
C VAL A 256 2.35 -7.71 5.92
N ASN A 257 2.08 -8.41 4.81
CA ASN A 257 1.01 -8.03 3.90
C ASN A 257 0.43 -9.33 3.35
N LEU A 258 -0.70 -9.76 3.88
CA LEU A 258 -1.32 -11.00 3.44
C LEU A 258 -1.82 -10.86 2.00
N LYS A 259 -1.32 -11.73 1.12
CA LYS A 259 -1.65 -11.67 -0.30
C LYS A 259 -2.67 -12.73 -0.72
N TYR A 260 -2.45 -13.99 -0.37
CA TYR A 260 -3.32 -15.07 -0.80
C TYR A 260 -3.73 -15.94 0.38
N LEU A 261 -4.75 -16.77 0.13
CA LEU A 261 -5.31 -17.70 1.09
C LEU A 261 -5.66 -18.99 0.35
N LEU A 262 -5.31 -20.13 0.93
CA LEU A 262 -5.39 -21.40 0.23
C LEU A 262 -6.21 -22.40 1.02
N LYS A 263 -7.16 -23.05 0.35
CA LYS A 263 -7.79 -24.26 0.87
C LYS A 263 -6.95 -25.45 0.44
N LEU A 264 -6.72 -26.36 1.39
CA LEU A 264 -5.78 -27.46 1.19
C LEU A 264 -6.42 -28.79 1.56
N LYS A 265 -6.30 -29.76 0.67
CA LYS A 265 -6.70 -31.13 0.95
C LYS A 265 -5.49 -31.91 1.45
N PHE A 266 -5.58 -32.43 2.68
CA PHE A 266 -4.53 -33.27 3.24
C PHE A 266 -4.87 -34.72 2.97
N ASN A 267 -4.05 -35.39 2.17
CA ASN A 267 -4.22 -36.81 1.85
C ASN A 267 -3.11 -37.59 2.56
N PHE A 268 -3.50 -38.66 3.24
CA PHE A 268 -2.59 -39.39 4.11
C PHE A 268 -2.29 -40.79 3.59
N LYS B 23 -33.29 6.90 -2.11
CA LYS B 23 -32.93 5.51 -2.35
C LYS B 23 -31.42 5.36 -2.47
N SER B 24 -30.70 6.01 -1.56
CA SER B 24 -29.24 5.93 -1.50
C SER B 24 -28.78 5.98 -0.05
N LYS B 25 -27.81 5.15 0.27
CA LYS B 25 -27.23 5.07 1.61
C LYS B 25 -26.00 5.95 1.77
N LEU B 26 -25.56 6.62 0.71
CA LEU B 26 -24.37 7.45 0.78
C LEU B 26 -24.61 8.66 1.68
N PRO B 27 -23.57 9.14 2.37
CA PRO B 27 -23.71 10.40 3.10
C PRO B 27 -23.88 11.57 2.14
N LYS B 28 -24.62 12.57 2.61
CA LYS B 28 -25.00 13.69 1.75
C LYS B 28 -23.82 14.36 1.08
N PRO B 29 -22.71 14.67 1.76
CA PRO B 29 -21.57 15.28 1.06
C PRO B 29 -21.08 14.44 -0.11
N VAL B 30 -21.03 13.12 0.06
CA VAL B 30 -20.59 12.24 -1.02
C VAL B 30 -21.56 12.33 -2.19
N GLN B 31 -22.86 12.39 -1.91
CA GLN B 31 -23.84 12.47 -2.99
C GLN B 31 -23.71 13.79 -3.74
N ASP B 32 -23.50 14.90 -3.02
CA ASP B 32 -23.34 16.19 -3.68
C ASP B 32 -22.07 16.23 -4.51
N LEU B 33 -21.00 15.59 -4.02
CA LEU B 33 -19.78 15.49 -4.81
C LEU B 33 -20.00 14.66 -6.06
N ILE B 34 -20.73 13.56 -5.94
CA ILE B 34 -21.08 12.74 -7.11
C ILE B 34 -21.82 13.61 -8.13
N LYS B 35 -22.78 14.41 -7.67
CA LYS B 35 -23.49 15.31 -8.57
C LYS B 35 -22.53 16.26 -9.26
N MET B 36 -21.63 16.88 -8.49
CA MET B 36 -20.70 17.84 -9.08
C MET B 36 -19.86 17.21 -10.17
N ILE B 37 -19.30 16.02 -9.89
CA ILE B 37 -18.35 15.44 -10.83
C ILE B 37 -19.07 14.84 -12.04
N PHE B 38 -20.33 14.40 -11.89
CA PHE B 38 -21.04 13.76 -12.98
C PHE B 38 -22.08 14.66 -13.64
N GLY B 39 -22.37 15.83 -13.08
CA GLY B 39 -23.36 16.72 -13.65
C GLY B 39 -24.51 17.01 -12.69
N PRO B 48 -29.32 8.24 -11.00
CA PRO B 48 -28.59 7.11 -10.44
C PRO B 48 -27.33 7.54 -9.71
N ILE B 49 -27.47 7.86 -8.42
CA ILE B 49 -26.34 8.40 -7.66
C ILE B 49 -25.37 7.30 -7.27
N ASP B 50 -25.90 6.17 -6.79
CA ASP B 50 -25.02 5.09 -6.32
C ASP B 50 -24.32 4.41 -7.48
N VAL B 51 -25.00 4.26 -8.62
CA VAL B 51 -24.33 3.72 -9.80
C VAL B 51 -23.20 4.64 -10.22
N ASN B 52 -23.44 5.95 -10.17
CA ASN B 52 -22.38 6.91 -10.50
C ASN B 52 -21.21 6.78 -9.53
N TYR B 53 -21.48 6.63 -8.23
CA TYR B 53 -20.40 6.45 -7.26
C TYR B 53 -19.60 5.19 -7.58
N GLU B 54 -20.30 4.09 -7.86
CA GLU B 54 -19.60 2.84 -8.18
C GLU B 54 -18.79 2.98 -9.46
N LYS B 55 -19.21 3.86 -10.37
CA LYS B 55 -18.48 4.07 -11.61
C LYS B 55 -17.06 4.57 -11.38
N LEU B 56 -16.78 5.14 -10.21
CA LEU B 56 -15.46 5.71 -9.95
C LEU B 56 -14.43 4.68 -9.53
N LYS B 57 -14.86 3.52 -9.04
CA LYS B 57 -13.93 2.52 -8.51
C LYS B 57 -13.02 3.15 -7.46
N THR B 58 -13.63 3.94 -6.58
CA THR B 58 -12.90 4.70 -5.56
C THR B 58 -13.72 4.68 -4.29
N ASP B 59 -13.08 4.34 -3.16
CA ASP B 59 -13.73 4.44 -1.87
C ASP B 59 -13.59 5.87 -1.36
N ILE B 60 -14.71 6.58 -1.27
CA ILE B 60 -14.75 7.96 -0.80
C ILE B 60 -15.38 7.96 0.58
N LYS B 61 -14.75 8.63 1.53
CA LYS B 61 -15.31 8.81 2.87
C LYS B 61 -15.13 10.26 3.27
N VAL B 62 -15.99 10.72 4.17
CA VAL B 62 -15.96 12.11 4.61
C VAL B 62 -15.05 12.22 5.83
N VAL B 63 -14.33 13.35 5.92
CA VAL B 63 -13.46 13.64 7.04
C VAL B 63 -14.22 14.51 8.03
N ASP B 64 -14.14 14.16 9.30
CA ASP B 64 -14.90 14.85 10.34
C ASP B 64 -14.40 16.28 10.49
N ARG B 65 -15.32 17.24 10.52
CA ARG B 65 -14.96 18.64 10.55
C ARG B 65 -14.21 19.03 11.82
N ASP B 66 -14.29 18.21 12.88
CA ASP B 66 -13.66 18.50 14.15
C ASP B 66 -12.46 17.60 14.44
N SER B 67 -12.00 16.82 13.46
CA SER B 67 -10.88 15.94 13.67
C SER B 67 -9.56 16.69 13.51
N GLU B 68 -8.47 16.03 13.88
CA GLU B 68 -7.13 16.60 13.69
C GLU B 68 -6.70 16.54 12.24
N GLU B 69 -7.09 15.48 11.52
CA GLU B 69 -6.84 15.41 10.09
C GLU B 69 -7.37 16.65 9.38
N ALA B 70 -8.62 17.02 9.69
CA ALA B 70 -9.23 18.16 9.05
C ALA B 70 -8.52 19.47 9.41
N GLU B 71 -8.13 19.61 10.69
CA GLU B 71 -7.42 20.81 11.10
C GLU B 71 -6.08 20.92 10.37
N ILE B 72 -5.39 19.81 10.21
CA ILE B 72 -4.11 19.83 9.49
C ILE B 72 -4.33 20.25 8.04
N ILE B 73 -5.34 19.68 7.39
CA ILE B 73 -5.60 20.02 5.99
C ILE B 73 -5.98 21.49 5.86
N ARG B 74 -6.80 21.99 6.78
CA ARG B 74 -7.21 23.39 6.71
C ARG B 74 -6.05 24.33 7.01
N LYS B 75 -5.12 23.95 7.88
CA LYS B 75 -3.95 24.78 8.12
C LYS B 75 -3.03 24.78 6.90
N TYR B 76 -2.90 23.62 6.25
CA TYR B 76 -2.16 23.58 4.99
C TYR B 76 -2.77 24.55 3.98
N VAL B 77 -4.10 24.57 3.88
CA VAL B 77 -4.75 25.49 2.96
C VAL B 77 -4.51 26.94 3.39
N LYS B 78 -4.61 27.21 4.70
CA LYS B 78 -4.54 28.58 5.19
C LYS B 78 -3.15 29.18 4.95
N ASN B 79 -2.09 28.45 5.33
CA ASN B 79 -0.77 29.06 5.38
C ASN B 79 -0.07 29.11 4.02
N THR B 80 -0.47 28.25 3.07
CA THR B 80 0.25 28.12 1.80
C THR B 80 -0.49 28.80 0.64
N HIS B 81 -1.19 29.89 0.91
CA HIS B 81 -1.87 30.66 -0.14
C HIS B 81 -0.92 31.77 -0.60
N ALA B 82 -0.40 31.63 -1.81
CA ALA B 82 0.55 32.60 -2.34
C ALA B 82 -0.06 34.00 -2.37
N THR B 83 0.79 35.01 -2.48
CA THR B 83 0.37 36.40 -2.38
C THR B 83 0.18 37.07 -3.74
N THR B 84 0.64 36.47 -4.83
CA THR B 84 0.26 36.93 -6.15
C THR B 84 -1.05 36.32 -6.63
N HIS B 85 -1.57 35.34 -5.90
CA HIS B 85 -2.87 34.72 -6.19
C HIS B 85 -3.95 35.30 -5.29
N ASN B 86 -3.99 36.63 -5.22
CA ASN B 86 -4.94 37.35 -4.39
C ASN B 86 -6.21 37.71 -5.14
N ALA B 87 -6.46 37.08 -6.30
CA ALA B 87 -7.70 37.33 -7.02
C ALA B 87 -8.89 36.67 -6.34
N TYR B 88 -8.65 35.59 -5.60
CA TYR B 88 -9.69 34.89 -4.87
C TYR B 88 -9.20 34.59 -3.45
N ASP B 89 -10.12 34.09 -2.63
CA ASP B 89 -9.84 33.75 -1.24
C ASP B 89 -10.46 32.38 -0.97
N LEU B 90 -9.61 31.39 -0.75
CA LEU B 90 -10.07 30.01 -0.65
C LEU B 90 -10.86 29.79 0.63
N GLU B 91 -11.52 28.64 0.72
CA GLU B 91 -12.39 28.30 1.83
C GLU B 91 -12.87 26.86 1.68
N VAL B 92 -12.41 25.97 2.56
CA VAL B 92 -12.67 24.55 2.40
C VAL B 92 -14.13 24.27 2.73
N ILE B 93 -14.78 23.49 1.88
CA ILE B 93 -16.19 23.14 2.04
C ILE B 93 -16.29 21.74 2.62
N ASP B 94 -15.74 20.75 1.91
CA ASP B 94 -15.71 19.38 2.35
C ASP B 94 -14.31 18.81 2.17
N ILE B 95 -13.96 17.85 3.02
CA ILE B 95 -12.71 17.12 2.93
C ILE B 95 -13.05 15.64 2.92
N PHE B 96 -12.66 14.94 1.86
CA PHE B 96 -12.91 13.51 1.71
C PHE B 96 -11.58 12.78 1.72
N LYS B 97 -11.53 11.65 2.42
CA LYS B 97 -10.43 10.71 2.26
C LYS B 97 -10.82 9.73 1.15
N ILE B 98 -10.00 9.65 0.11
CA ILE B 98 -10.27 8.82 -1.05
C ILE B 98 -9.20 7.74 -1.12
N GLU B 99 -9.61 6.55 -1.57
CA GLU B 99 -8.69 5.44 -1.79
C GLU B 99 -9.09 4.78 -3.11
N ARG B 100 -8.26 4.92 -4.14
CA ARG B 100 -8.52 4.28 -5.41
C ARG B 100 -8.10 2.81 -5.38
N GLU B 101 -8.87 1.98 -6.07
CA GLU B 101 -8.56 0.56 -6.12
C GLU B 101 -7.21 0.34 -6.80
N GLY B 102 -6.38 -0.49 -6.18
CA GLY B 102 -5.07 -0.81 -6.71
C GLY B 102 -4.00 0.24 -6.50
N GLU B 103 -4.39 1.50 -6.25
CA GLU B 103 -3.39 2.57 -6.13
C GLU B 103 -2.41 2.30 -5.00
N CYS B 104 -2.87 1.68 -3.91
CA CYS B 104 -1.96 1.42 -2.80
C CYS B 104 -0.99 0.30 -3.13
N GLN B 105 -1.48 -0.81 -3.69
CA GLN B 105 -0.59 -1.89 -4.08
C GLN B 105 0.30 -1.51 -5.25
N ARG B 106 -0.12 -0.52 -6.04
CA ARG B 106 0.72 -0.01 -7.13
C ARG B 106 1.77 0.98 -6.62
N TYR B 107 1.45 1.71 -5.55
CA TYR B 107 2.39 2.64 -4.95
C TYR B 107 3.37 1.96 -4.01
N LYS B 108 3.01 0.78 -3.49
CA LYS B 108 3.83 0.06 -2.52
C LYS B 108 5.32 0.05 -2.84
N PRO B 109 5.78 -0.31 -4.04
CA PRO B 109 7.23 -0.38 -4.27
C PRO B 109 7.97 0.92 -3.98
N PHE B 110 7.29 2.06 -4.04
CA PHE B 110 7.94 3.36 -3.87
C PHE B 110 7.67 3.96 -2.49
N LYS B 111 7.24 3.14 -1.53
CA LYS B 111 6.79 3.66 -0.25
C LYS B 111 7.96 4.01 0.66
N GLN B 112 8.86 3.05 0.92
CA GLN B 112 10.02 3.36 1.73
C GLN B 112 10.95 4.36 1.05
N LEU B 113 10.72 4.65 -0.23
CA LEU B 113 11.45 5.71 -0.92
C LEU B 113 11.41 6.99 -0.09
N HIS B 114 12.58 7.42 0.36
CA HIS B 114 12.67 8.59 1.22
C HIS B 114 12.02 9.81 0.56
N ASN B 115 11.88 10.86 1.35
CA ASN B 115 11.35 12.14 0.87
C ASN B 115 10.00 11.96 0.20
N ARG B 116 9.02 11.61 1.04
CA ARG B 116 7.62 11.61 0.65
C ARG B 116 6.99 12.91 1.09
N ARG B 117 6.14 13.49 0.23
CA ARG B 117 5.52 14.76 0.53
C ARG B 117 4.04 14.74 0.14
N LEU B 118 3.21 15.39 0.97
CA LEU B 118 1.80 15.55 0.68
C LEU B 118 1.62 16.87 -0.06
N LEU B 119 1.23 16.79 -1.33
CA LEU B 119 1.25 17.95 -2.22
C LEU B 119 -0.11 18.13 -2.89
N TRP B 120 -0.29 19.32 -3.48
CA TRP B 120 -1.54 19.71 -4.11
C TRP B 120 -1.54 19.35 -5.59
N HIS B 121 -2.73 19.10 -6.12
CA HIS B 121 -2.92 18.98 -7.56
C HIS B 121 -4.30 19.51 -7.92
N GLY B 122 -4.35 20.52 -8.78
CA GLY B 122 -5.60 21.08 -9.24
C GLY B 122 -5.89 20.65 -10.67
N SER B 123 -7.18 20.66 -11.00
CA SER B 123 -7.63 20.30 -12.33
C SER B 123 -9.07 20.74 -12.49
N ARG B 124 -9.46 21.02 -13.74
CA ARG B 124 -10.83 21.39 -14.02
C ARG B 124 -11.78 20.31 -13.51
N THR B 125 -12.95 20.75 -13.03
CA THR B 125 -13.83 19.85 -12.28
C THR B 125 -14.23 18.63 -13.11
N THR B 126 -14.57 18.82 -14.39
CA THR B 126 -15.02 17.70 -15.20
C THR B 126 -13.96 16.61 -15.30
N ASN B 127 -12.68 16.98 -15.22
CA ASN B 127 -11.63 15.97 -15.29
C ASN B 127 -11.73 14.96 -14.15
N PHE B 128 -12.30 15.36 -13.02
CA PHE B 128 -12.19 14.55 -11.81
C PHE B 128 -12.92 13.21 -11.95
N ALA B 129 -14.10 13.22 -12.57
CA ALA B 129 -14.80 11.96 -12.80
C ALA B 129 -13.89 10.93 -13.44
N GLY B 130 -12.87 11.38 -14.16
CA GLY B 130 -11.88 10.48 -14.73
C GLY B 130 -10.69 10.25 -13.81
N ILE B 131 -10.19 11.32 -13.19
CA ILE B 131 -9.01 11.20 -12.32
C ILE B 131 -9.22 10.13 -11.27
N LEU B 132 -10.46 10.02 -10.76
CA LEU B 132 -10.72 9.03 -9.71
C LEU B 132 -10.81 7.62 -10.28
N SER B 133 -11.33 7.48 -11.49
CA SER B 133 -11.48 6.15 -12.09
C SER B 133 -10.13 5.64 -12.63
N GLN B 134 -9.40 6.50 -13.34
CA GLN B 134 -8.14 6.12 -13.94
C GLN B 134 -6.93 6.49 -13.11
N GLY B 135 -7.06 7.46 -12.21
CA GLY B 135 -5.91 8.02 -11.53
C GLY B 135 -5.28 9.13 -12.36
N LEU B 136 -4.30 9.80 -11.74
CA LEU B 136 -3.53 10.79 -12.47
C LEU B 136 -2.64 10.10 -13.49
N ARG B 137 -2.49 10.72 -14.66
CA ARG B 137 -1.78 10.12 -15.77
C ARG B 137 -0.87 11.16 -16.43
N ILE B 138 0.03 10.65 -17.28
CA ILE B 138 0.98 11.48 -18.01
C ILE B 138 0.48 11.63 -19.44
N ALA B 139 0.79 12.76 -20.05
CA ALA B 139 0.49 12.99 -21.46
C ALA B 139 1.03 11.84 -22.28
N PRO B 140 0.47 11.57 -23.47
CA PRO B 140 0.91 10.42 -24.26
C PRO B 140 2.37 10.57 -24.65
N PRO B 141 3.00 9.49 -25.14
CA PRO B 141 4.41 9.58 -25.52
C PRO B 141 4.64 10.46 -26.73
N GLU B 142 3.57 10.86 -27.43
CA GLU B 142 3.60 11.54 -28.72
C GLU B 142 2.73 12.79 -28.69
N ALA B 143 2.99 13.69 -27.73
CA ALA B 143 2.29 14.97 -27.66
C ALA B 143 3.32 16.09 -27.75
N PRO B 144 2.89 17.34 -27.94
CA PRO B 144 3.87 18.44 -27.95
C PRO B 144 4.45 18.69 -26.57
N VAL B 145 5.75 18.43 -26.40
CA VAL B 145 6.38 18.61 -25.10
C VAL B 145 6.51 20.08 -24.72
N THR B 146 6.31 20.99 -25.67
CA THR B 146 6.20 22.40 -25.30
C THR B 146 4.90 22.64 -24.55
N GLY B 147 4.96 23.57 -23.60
CA GLY B 147 3.89 23.76 -22.64
C GLY B 147 4.08 22.96 -21.37
N TYR B 148 4.75 21.81 -21.46
CA TYR B 148 5.18 21.05 -20.28
C TYR B 148 6.57 21.56 -19.90
N MET B 149 6.60 22.50 -18.95
CA MET B 149 7.85 23.16 -18.60
C MET B 149 8.93 22.15 -18.24
N PHE B 150 8.56 21.11 -17.48
CA PHE B 150 9.52 20.08 -17.10
C PHE B 150 9.13 18.74 -17.70
N GLY B 151 8.79 18.73 -18.99
CA GLY B 151 8.50 17.51 -19.70
C GLY B 151 7.17 16.89 -19.32
N LYS B 152 6.77 15.84 -20.04
CA LYS B 152 5.52 15.14 -19.76
C LYS B 152 5.64 14.40 -18.44
N GLY B 153 4.92 14.86 -17.43
CA GLY B 153 4.90 14.19 -16.14
C GLY B 153 3.65 14.55 -15.38
N ILE B 154 3.67 14.22 -14.09
CA ILE B 154 2.61 14.59 -13.17
C ILE B 154 3.14 15.70 -12.26
N TYR B 155 2.42 16.81 -12.21
CA TYR B 155 2.84 18.03 -11.56
C TYR B 155 2.11 18.22 -10.24
N PHE B 156 2.80 18.85 -9.28
CA PHE B 156 2.24 19.16 -7.97
C PHE B 156 2.85 20.47 -7.50
N ALA B 157 2.20 21.08 -6.51
CA ALA B 157 2.69 22.30 -5.90
C ALA B 157 2.50 22.23 -4.40
N ASP B 158 3.38 22.91 -3.67
CA ASP B 158 3.28 23.01 -2.22
C ASP B 158 2.55 24.28 -1.78
N MET B 159 2.13 25.12 -2.73
CA MET B 159 1.31 26.30 -2.46
C MET B 159 -0.09 26.00 -2.98
N VAL B 160 -1.07 25.91 -2.08
CA VAL B 160 -2.41 25.48 -2.47
C VAL B 160 -2.95 26.31 -3.62
N SER B 161 -2.64 27.61 -3.63
CA SER B 161 -3.22 28.49 -4.64
C SER B 161 -2.65 28.20 -6.02
N LYS B 162 -1.38 27.82 -6.10
CA LYS B 162 -0.77 27.50 -7.39
C LYS B 162 -1.54 26.38 -8.08
N SER B 163 -2.03 25.41 -7.32
CA SER B 163 -2.81 24.32 -7.89
C SER B 163 -4.27 24.71 -8.07
N ALA B 164 -4.82 25.47 -7.12
CA ALA B 164 -6.22 25.88 -7.24
C ALA B 164 -6.44 26.73 -8.48
N ASN B 165 -5.42 27.45 -8.94
CA ASN B 165 -5.55 28.18 -10.19
C ASN B 165 -5.99 27.28 -11.33
N TYR B 166 -5.56 26.02 -11.32
CA TYR B 166 -5.87 25.10 -12.41
C TYR B 166 -7.27 24.52 -12.31
N CYS B 167 -7.99 24.76 -11.21
CA CYS B 167 -9.41 24.41 -11.18
C CYS B 167 -10.21 25.29 -12.13
N HIS B 168 -9.71 26.50 -12.41
CA HIS B 168 -10.34 27.42 -13.36
C HIS B 168 -11.79 27.67 -12.99
N THR B 169 -12.00 28.05 -11.73
CA THR B 169 -13.33 28.30 -11.18
C THR B 169 -13.59 29.80 -11.15
N SER B 170 -14.63 30.24 -11.87
CA SER B 170 -14.94 31.65 -12.01
C SER B 170 -15.94 32.09 -10.95
N GLN B 171 -16.44 33.32 -11.09
CA GLN B 171 -17.47 33.80 -10.17
C GLN B 171 -18.79 33.08 -10.41
N GLY B 172 -19.12 32.80 -11.67
CA GLY B 172 -20.33 32.07 -11.96
C GLY B 172 -20.34 30.68 -11.34
N ASP B 173 -19.20 29.99 -11.41
CA ASP B 173 -19.04 28.66 -10.80
C ASP B 173 -17.79 28.71 -9.92
N PRO B 174 -17.94 29.17 -8.68
CA PRO B 174 -16.76 29.33 -7.82
C PRO B 174 -16.43 28.12 -6.97
N ILE B 175 -16.83 26.93 -7.41
CA ILE B 175 -16.56 25.69 -6.68
C ILE B 175 -15.71 24.78 -7.55
N GLY B 176 -14.57 24.34 -7.02
CA GLY B 176 -13.71 23.41 -7.70
C GLY B 176 -13.25 22.31 -6.76
N LEU B 177 -12.50 21.37 -7.33
CA LEU B 177 -11.98 20.23 -6.60
C LEU B 177 -10.46 20.23 -6.71
N ILE B 178 -9.79 19.92 -5.61
CA ILE B 178 -8.32 19.86 -5.56
C ILE B 178 -7.92 18.63 -4.77
N LEU B 179 -6.86 17.97 -5.22
CA LEU B 179 -6.40 16.73 -4.63
C LEU B 179 -5.18 16.96 -3.74
N LEU B 180 -5.12 16.21 -2.64
CA LEU B 180 -3.89 16.03 -1.87
C LEU B 180 -3.34 14.63 -2.17
N GLY B 181 -2.06 14.57 -2.51
CA GLY B 181 -1.44 13.31 -2.86
C GLY B 181 -0.11 13.11 -2.19
N GLU B 182 0.09 11.91 -1.66
CA GLU B 182 1.42 11.48 -1.23
C GLU B 182 2.27 11.22 -2.46
N VAL B 183 3.42 11.87 -2.55
CA VAL B 183 4.31 11.78 -3.70
C VAL B 183 5.67 11.32 -3.19
N ALA B 184 6.15 10.21 -3.73
CA ALA B 184 7.47 9.68 -3.42
C ALA B 184 8.49 10.42 -4.29
N LEU B 185 8.89 11.60 -3.81
CA LEU B 185 9.79 12.44 -4.58
C LEU B 185 11.16 11.81 -4.74
N GLY B 186 11.62 11.06 -3.74
CA GLY B 186 12.93 10.45 -3.83
C GLY B 186 14.02 11.50 -3.97
N ASN B 187 15.04 11.17 -4.76
CA ASN B 187 16.17 12.07 -4.98
C ASN B 187 15.76 13.13 -5.99
N MET B 188 15.64 14.37 -5.53
CA MET B 188 15.10 15.44 -6.37
C MET B 188 16.19 16.02 -7.26
N TYR B 189 15.87 16.17 -8.54
CA TYR B 189 16.68 16.92 -9.48
C TYR B 189 16.17 18.36 -9.45
N GLU B 190 16.95 19.26 -8.85
CA GLU B 190 16.49 20.62 -8.61
C GLU B 190 16.87 21.50 -9.79
N LEU B 191 15.88 22.17 -10.37
CA LEU B 191 16.08 22.98 -11.57
C LEU B 191 15.50 24.36 -11.36
N LYS B 192 16.21 25.37 -11.87
CA LYS B 192 15.79 26.76 -11.79
C LYS B 192 15.14 27.26 -13.07
N HIS B 193 15.28 26.52 -14.17
CA HIS B 193 14.71 26.92 -15.45
C HIS B 193 14.09 25.71 -16.13
N ALA B 194 13.42 25.95 -17.24
CA ALA B 194 12.69 24.90 -17.93
C ALA B 194 13.64 23.89 -18.58
N SER B 195 13.13 22.69 -18.81
CA SER B 195 13.90 21.62 -19.44
C SER B 195 13.17 21.04 -20.64
N HIS B 196 11.88 20.77 -20.48
CA HIS B 196 11.04 20.18 -21.53
C HIS B 196 11.42 18.75 -21.87
N ILE B 197 12.06 18.04 -20.94
CA ILE B 197 12.49 16.66 -21.18
C ILE B 197 11.97 15.79 -20.05
N SER B 198 11.58 14.56 -20.40
CA SER B 198 10.99 13.62 -19.45
C SER B 198 11.96 12.53 -19.01
N LYS B 199 13.26 12.75 -19.21
CA LYS B 199 14.29 11.77 -18.88
C LYS B 199 15.12 12.30 -17.71
N LEU B 200 15.13 11.56 -16.61
CA LEU B 200 15.86 12.00 -15.44
C LEU B 200 17.27 11.39 -15.43
N PRO B 201 18.29 12.17 -15.11
CA PRO B 201 19.61 11.58 -14.89
C PRO B 201 19.53 10.41 -13.92
N LYS B 202 20.05 9.27 -14.35
CA LYS B 202 20.00 8.06 -13.52
C LYS B 202 20.45 8.39 -12.09
N GLY B 203 19.62 7.99 -11.13
CA GLY B 203 19.82 8.35 -9.73
C GLY B 203 18.80 9.35 -9.22
N LYS B 204 17.93 9.87 -10.08
CA LYS B 204 16.91 10.83 -9.70
C LYS B 204 15.54 10.24 -9.97
N HIS B 205 14.59 10.58 -9.09
CA HIS B 205 13.23 10.05 -9.18
C HIS B 205 12.18 11.13 -9.44
N SER B 206 12.54 12.40 -9.32
CA SER B 206 11.57 13.48 -9.46
C SER B 206 12.34 14.76 -9.74
N VAL B 207 11.62 15.77 -10.22
CA VAL B 207 12.16 17.09 -10.48
C VAL B 207 11.53 18.08 -9.51
N LYS B 208 12.33 19.02 -9.03
CA LYS B 208 11.85 20.11 -8.18
C LYS B 208 12.22 21.43 -8.86
N GLY B 209 11.23 22.10 -9.42
CA GLY B 209 11.41 23.45 -9.90
C GLY B 209 11.46 24.41 -8.72
N LEU B 210 12.62 25.02 -8.51
CA LEU B 210 12.87 25.82 -7.31
C LEU B 210 12.16 27.16 -7.43
N GLY B 211 11.24 27.43 -6.50
CA GLY B 211 10.56 28.70 -6.44
C GLY B 211 11.25 29.66 -5.49
N LYS B 212 11.14 30.95 -5.81
CA LYS B 212 11.69 31.97 -4.93
C LYS B 212 11.03 31.96 -3.56
N THR B 213 9.80 31.44 -3.46
CA THR B 213 9.06 31.40 -2.22
C THR B 213 8.68 29.96 -1.91
N THR B 214 9.02 29.49 -0.72
CA THR B 214 8.78 28.12 -0.31
C THR B 214 8.08 28.09 1.04
N PRO B 215 7.30 27.05 1.32
CA PRO B 215 6.74 26.91 2.67
C PRO B 215 7.84 26.84 3.71
N ASP B 216 7.55 27.40 4.88
CA ASP B 216 8.52 27.49 5.96
C ASP B 216 8.89 26.10 6.45
N PRO B 217 10.11 25.61 6.21
CA PRO B 217 10.45 24.24 6.63
C PRO B 217 10.49 24.05 8.14
N SER B 218 10.67 25.12 8.92
CA SER B 218 10.65 24.98 10.37
C SER B 218 9.28 24.62 10.91
N ALA B 219 8.25 24.56 10.05
CA ALA B 219 6.89 24.25 10.46
C ALA B 219 6.36 22.96 9.87
N ASN B 220 7.12 22.31 8.99
CA ASN B 220 6.66 21.06 8.39
C ASN B 220 6.45 20.00 9.47
N ILE B 221 5.43 19.16 9.26
CA ILE B 221 5.19 18.04 10.17
C ILE B 221 5.25 16.75 9.37
N SER B 222 5.09 15.61 10.04
CA SER B 222 5.14 14.30 9.40
C SER B 222 3.85 13.54 9.73
N LEU B 223 2.90 13.58 8.80
CA LEU B 223 1.61 12.91 8.97
C LEU B 223 1.70 11.53 8.33
N ASP B 224 1.61 10.49 9.16
CA ASP B 224 1.72 9.10 8.69
C ASP B 224 3.04 8.86 7.97
N GLY B 225 4.10 9.55 8.39
CA GLY B 225 5.39 9.44 7.76
C GLY B 225 5.53 10.21 6.47
N VAL B 226 4.49 10.91 6.02
CA VAL B 226 4.53 11.75 4.83
C VAL B 226 4.78 13.18 5.27
N ASP B 227 5.74 13.84 4.62
CA ASP B 227 6.11 15.19 5.00
C ASP B 227 5.05 16.18 4.54
N VAL B 228 4.39 16.84 5.49
CA VAL B 228 3.42 17.89 5.21
C VAL B 228 4.15 19.23 5.33
N PRO B 229 4.35 19.96 4.22
CA PRO B 229 4.99 21.30 4.29
C PRO B 229 3.95 22.42 4.40
N LEU B 230 3.28 22.47 5.55
CA LEU B 230 2.22 23.44 5.80
C LEU B 230 2.75 24.75 6.36
N GLY B 231 4.06 24.99 6.25
CA GLY B 231 4.62 26.23 6.75
C GLY B 231 4.24 27.42 5.89
N THR B 232 4.18 28.58 6.53
CA THR B 232 3.86 29.81 5.82
C THR B 232 4.94 30.11 4.77
N GLY B 233 4.55 30.90 3.77
CA GLY B 233 5.47 31.22 2.69
C GLY B 233 6.62 32.10 3.18
N ILE B 234 7.84 31.68 2.89
CA ILE B 234 9.03 32.46 3.16
C ILE B 234 9.89 32.47 1.90
N SER B 235 11.00 33.21 1.95
CA SER B 235 11.94 33.24 0.84
C SER B 235 12.80 31.98 0.86
N SER B 236 12.90 31.33 -0.30
CA SER B 236 13.71 30.12 -0.40
C SER B 236 15.20 30.43 -0.51
N GLY B 237 15.57 31.66 -0.83
CA GLY B 237 16.96 32.05 -0.95
C GLY B 237 17.55 31.94 -2.34
N VAL B 238 16.77 31.47 -3.32
CA VAL B 238 17.23 31.36 -4.70
C VAL B 238 16.78 32.60 -5.45
N ASN B 239 17.73 33.38 -5.95
CA ASN B 239 17.42 34.54 -6.77
C ASN B 239 17.37 34.19 -8.25
N ASP B 240 18.33 33.39 -8.73
CA ASP B 240 18.40 33.00 -10.14
C ASP B 240 17.46 31.81 -10.35
N THR B 241 16.20 32.11 -10.67
CA THR B 241 15.23 31.07 -10.92
C THR B 241 14.02 31.67 -11.64
N SER B 242 13.36 30.83 -12.44
CA SER B 242 12.22 31.27 -13.24
C SER B 242 10.90 31.20 -12.49
N LEU B 243 10.81 30.38 -11.45
CA LEU B 243 9.55 30.09 -10.78
C LEU B 243 9.39 30.90 -9.51
N LEU B 244 8.18 31.39 -9.27
CA LEU B 244 7.88 32.06 -8.01
C LEU B 244 7.70 31.05 -6.88
N TYR B 245 7.08 29.91 -7.18
CA TYR B 245 6.77 28.90 -6.17
C TYR B 245 7.17 27.53 -6.70
N ASN B 246 7.55 26.65 -5.78
CA ASN B 246 8.11 25.37 -6.17
C ASN B 246 7.12 24.55 -6.97
N GLU B 247 7.64 23.75 -7.90
CA GLU B 247 6.87 22.72 -8.58
C GLU B 247 7.54 21.38 -8.32
N TYR B 248 6.73 20.33 -8.19
CA TYR B 248 7.23 18.97 -7.96
C TYR B 248 6.68 18.07 -9.06
N ILE B 249 7.55 17.53 -9.90
CA ILE B 249 7.15 16.69 -11.02
C ILE B 249 7.68 15.29 -10.79
N VAL B 250 6.83 14.29 -11.08
CA VAL B 250 7.26 12.90 -11.15
C VAL B 250 6.92 12.36 -12.52
N TYR B 251 7.51 11.21 -12.85
CA TYR B 251 7.43 10.68 -14.21
C TYR B 251 6.99 9.23 -14.28
N ASP B 252 6.82 8.55 -13.16
CA ASP B 252 6.12 7.27 -13.11
C ASP B 252 4.85 7.45 -12.29
N ILE B 253 3.71 7.07 -12.86
CA ILE B 253 2.43 7.34 -12.22
C ILE B 253 2.25 6.57 -10.93
N ALA B 254 3.12 5.61 -10.63
CA ALA B 254 3.06 4.85 -9.39
C ALA B 254 3.84 5.51 -8.25
N GLN B 255 4.44 6.67 -8.50
CA GLN B 255 5.03 7.47 -7.43
C GLN B 255 3.99 8.32 -6.72
N VAL B 256 2.71 8.14 -7.01
CA VAL B 256 1.64 8.97 -6.49
C VAL B 256 0.63 8.10 -5.77
N ASN B 257 0.04 8.66 -4.71
CA ASN B 257 -1.00 7.98 -3.95
C ASN B 257 -1.97 9.06 -3.48
N LEU B 258 -3.12 9.16 -4.15
CA LEU B 258 -4.10 10.17 -3.83
C LEU B 258 -4.72 9.88 -2.46
N LYS B 259 -4.61 10.83 -1.52
CA LYS B 259 -5.09 10.63 -0.17
C LYS B 259 -6.41 11.35 0.10
N TYR B 260 -6.50 12.63 -0.24
CA TYR B 260 -7.69 13.42 0.06
C TYR B 260 -8.18 14.17 -1.18
N LEU B 261 -9.40 14.68 -1.05
CA LEU B 261 -10.08 15.43 -2.10
C LEU B 261 -10.87 16.56 -1.44
N LEU B 262 -10.77 17.76 -1.97
CA LEU B 262 -11.30 18.95 -1.30
C LEU B 262 -12.26 19.70 -2.21
N LYS B 263 -13.43 20.03 -1.68
CA LYS B 263 -14.31 21.04 -2.28
C LYS B 263 -13.89 22.41 -1.77
N LEU B 264 -13.82 23.37 -2.69
CA LEU B 264 -13.25 24.68 -2.40
C LEU B 264 -14.17 25.77 -2.87
N LYS B 265 -14.46 26.73 -1.97
CA LYS B 265 -15.19 27.93 -2.32
C LYS B 265 -14.18 29.02 -2.68
N PHE B 266 -14.27 29.53 -3.91
CA PHE B 266 -13.42 30.63 -4.36
C PHE B 266 -14.20 31.94 -4.15
N ASN B 267 -13.71 32.78 -3.26
CA ASN B 267 -14.30 34.09 -2.99
C ASN B 267 -13.38 35.17 -3.56
N PHE B 268 -13.97 36.11 -4.30
CA PHE B 268 -13.19 37.08 -5.06
C PHE B 268 -13.36 38.49 -4.52
#